data_4I2J
#
_entry.id   4I2J
#
_cell.length_a   47.130
_cell.length_b   85.250
_cell.length_c   111.870
_cell.angle_alpha   90.00
_cell.angle_beta   90.00
_cell.angle_gamma   90.00
#
_symmetry.space_group_name_H-M   'P 21 21 21'
#
loop_
_entity.id
_entity.type
_entity.pdbx_description
1 polymer 'DNA nucleotidylexotransferase'
2 non-polymer "2'-DEOXYCYTIDINE-5'-TRIPHOSPHATE"
3 non-polymer 'ZINC ION'
4 water water
#
_entity_poly.entity_id   1
_entity_poly.type   'polypeptide(L)'
_entity_poly.pdbx_seq_one_letter_code
;MGSSHHHHHHSSGLVPRGSHMSPSPVPGSQNVPAPAVKKISQYACQRRTTLNNYNQLFTDALDILAENDELRENEGSCLA
FMRASSVLKSLPFPITSMKDTEGIPCLGDKVKSIIEGIIEDGESSEAKAVLNDERYKSFKLFTSVFGVGLKTAEKWFRMG
FRTLSKIQSDKSLRFTQMQKAGFLYYEDLVSCVNRPEAEAVSMLVKEAVVTFLPDALVTMTGGFRRGKMTGHDVDFLITS
PEATEDEEQQLLHKVTDFWKQQGLLLYCDILESTFEKFKQPSRKVDALDHFQKCFLILKLDHGRVHSEKSGQQEGKGWKA
IRVDLVMCPYDRRAFALLGWTGSRQFERDLRRYATHERKMMLDNHALYDRTKRVFLEAESEEEIFAHLGLDYIEPWERNA
;
_entity_poly.pdbx_strand_id   A
#
# COMPACT_ATOMS: atom_id res chain seq x y z
N LYS A 39 -28.91 0.70 -4.58
CA LYS A 39 -28.12 1.87 -4.95
C LYS A 39 -26.68 1.75 -4.43
N ILE A 40 -25.71 1.66 -5.38
CA ILE A 40 -24.26 1.57 -5.09
C ILE A 40 -23.76 2.89 -4.51
N SER A 41 -23.09 2.82 -3.36
CA SER A 41 -22.56 4.03 -2.73
C SER A 41 -21.33 4.55 -3.48
N GLN A 42 -21.11 5.87 -3.39
CA GLN A 42 -19.95 6.54 -3.97
C GLN A 42 -18.70 6.25 -3.11
N TYR A 43 -18.89 5.71 -1.87
CA TYR A 43 -17.79 5.42 -0.94
C TYR A 43 -17.40 3.93 -0.96
N ALA A 44 -16.08 3.65 -1.11
CA ALA A 44 -15.52 2.29 -1.12
C ALA A 44 -15.77 1.59 0.20
N CYS A 45 -15.84 2.36 1.34
CA CYS A 45 -16.09 1.83 2.69
C CYS A 45 -17.55 1.38 2.82
N GLN A 46 -18.42 1.70 1.85
CA GLN A 46 -19.82 1.24 1.84
C GLN A 46 -20.06 0.20 0.70
N ARG A 47 -18.97 -0.37 0.15
CA ARG A 47 -18.98 -1.38 -0.89
C ARG A 47 -18.11 -2.55 -0.50
N ARG A 48 -18.43 -3.74 -1.01
CA ARG A 48 -17.63 -4.94 -0.79
C ARG A 48 -16.87 -5.20 -2.08
N THR A 49 -15.54 -5.10 -2.01
CA THR A 49 -14.70 -5.24 -3.18
C THR A 49 -13.75 -6.42 -2.95
N THR A 50 -14.07 -7.55 -3.58
CA THR A 50 -13.31 -8.79 -3.51
C THR A 50 -12.37 -8.87 -4.75
N LEU A 51 -11.45 -9.86 -4.75
CA LEU A 51 -10.47 -10.09 -5.81
C LEU A 51 -11.15 -10.68 -7.13
N ASN A 52 -12.47 -10.93 -7.10
CA ASN A 52 -13.35 -11.40 -8.16
C ASN A 52 -13.78 -10.20 -9.04
N ASN A 53 -12.83 -9.64 -9.81
CA ASN A 53 -13.07 -8.48 -10.69
C ASN A 53 -13.62 -8.91 -12.03
N TYR A 54 -14.87 -8.50 -12.35
CA TYR A 54 -15.49 -8.81 -13.65
C TYR A 54 -15.24 -7.74 -14.71
N ASN A 55 -14.57 -6.65 -14.35
CA ASN A 55 -14.39 -5.50 -15.24
C ASN A 55 -12.93 -5.10 -15.39
N GLN A 56 -12.02 -6.10 -15.39
CA GLN A 56 -10.59 -5.88 -15.55
C GLN A 56 -10.22 -5.19 -16.89
N LEU A 57 -11.01 -5.38 -17.97
CA LEU A 57 -10.77 -4.72 -19.25
C LEU A 57 -10.90 -3.17 -19.10
N PHE A 58 -11.89 -2.73 -18.33
CA PHE A 58 -12.11 -1.32 -18.07
C PHE A 58 -11.13 -0.81 -16.98
N THR A 59 -11.02 -1.53 -15.85
CA THR A 59 -10.18 -1.15 -14.70
C THR A 59 -8.69 -1.11 -15.01
N ASP A 60 -8.15 -2.02 -15.85
CA ASP A 60 -6.72 -1.98 -16.19
C ASP A 60 -6.41 -0.70 -16.96
N ALA A 61 -7.31 -0.31 -17.88
CA ALA A 61 -7.20 0.92 -18.65
C ALA A 61 -7.29 2.15 -17.75
N LEU A 62 -8.29 2.18 -16.83
CA LEU A 62 -8.47 3.30 -15.89
C LEU A 62 -7.30 3.41 -14.92
N ASP A 63 -6.72 2.27 -14.50
CA ASP A 63 -5.55 2.25 -13.61
C ASP A 63 -4.29 2.85 -14.32
N ILE A 64 -4.13 2.61 -15.63
CA ILE A 64 -3.01 3.15 -16.42
C ILE A 64 -3.18 4.68 -16.57
N LEU A 65 -4.41 5.14 -16.86
CA LEU A 65 -4.71 6.55 -17.02
C LEU A 65 -4.52 7.27 -15.69
N ALA A 66 -4.93 6.64 -14.56
CA ALA A 66 -4.75 7.21 -13.22
C ALA A 66 -3.26 7.33 -12.88
N GLU A 67 -2.46 6.29 -13.21
CA GLU A 67 -1.01 6.23 -12.96
C GLU A 67 -0.28 7.31 -13.76
N ASN A 68 -0.70 7.53 -15.02
CA ASN A 68 -0.10 8.56 -15.85
C ASN A 68 -0.40 9.95 -15.30
N ASP A 69 -1.63 10.17 -14.80
CA ASP A 69 -2.02 11.44 -14.21
C ASP A 69 -1.23 11.69 -12.93
N GLU A 70 -0.87 10.62 -12.19
CA GLU A 70 -0.07 10.69 -10.96
C GLU A 70 1.34 11.17 -11.31
N LEU A 71 1.93 10.56 -12.37
CA LEU A 71 3.25 10.88 -12.88
C LEU A 71 3.33 12.29 -13.45
N ARG A 72 2.25 12.75 -14.14
CA ARG A 72 2.16 14.10 -14.73
C ARG A 72 1.71 15.15 -13.67
N GLU A 73 1.65 14.74 -12.39
CA GLU A 73 1.27 15.54 -11.22
C GLU A 73 -0.15 16.12 -11.32
N ASN A 74 -1.05 15.47 -12.10
CA ASN A 74 -2.46 15.86 -12.24
C ASN A 74 -3.28 15.06 -11.22
N GLU A 75 -3.23 15.49 -9.94
CA GLU A 75 -3.89 14.82 -8.80
C GLU A 75 -5.42 14.69 -8.96
N GLY A 76 -6.07 15.74 -9.50
CA GLY A 76 -7.52 15.75 -9.70
C GLY A 76 -8.02 14.71 -10.69
N SER A 77 -7.38 14.62 -11.88
CA SER A 77 -7.75 13.67 -12.91
C SER A 77 -7.41 12.24 -12.44
N CYS A 78 -6.30 12.09 -11.67
CA CYS A 78 -5.86 10.84 -11.08
C CYS A 78 -6.95 10.30 -10.17
N LEU A 79 -7.47 11.16 -9.26
CA LEU A 79 -8.53 10.85 -8.30
C LEU A 79 -9.81 10.42 -9.01
N ALA A 80 -10.21 11.12 -10.09
CA ALA A 80 -11.42 10.79 -10.85
C ALA A 80 -11.33 9.40 -11.49
N PHE A 81 -10.17 9.05 -12.07
CA PHE A 81 -9.96 7.73 -12.68
C PHE A 81 -9.89 6.64 -11.60
N MET A 82 -9.28 6.95 -10.42
CA MET A 82 -9.18 5.97 -9.34
C MET A 82 -10.54 5.61 -8.74
N ARG A 83 -11.45 6.59 -8.61
CA ARG A 83 -12.79 6.40 -8.06
C ARG A 83 -13.66 5.57 -9.00
N ALA A 84 -13.53 5.79 -10.31
CA ALA A 84 -14.25 5.09 -11.37
C ALA A 84 -13.76 3.66 -11.44
N SER A 85 -12.42 3.44 -11.43
CA SER A 85 -11.83 2.11 -11.42
C SER A 85 -12.30 1.32 -10.18
N SER A 86 -12.28 1.98 -8.99
CA SER A 86 -12.69 1.40 -7.71
C SER A 86 -14.14 0.90 -7.75
N VAL A 87 -15.10 1.73 -8.22
CA VAL A 87 -16.52 1.34 -8.24
C VAL A 87 -16.73 0.15 -9.20
N LEU A 88 -16.06 0.13 -10.35
CA LEU A 88 -16.23 -0.98 -11.29
C LEU A 88 -15.71 -2.30 -10.69
N LYS A 89 -14.62 -2.24 -9.91
CA LYS A 89 -14.04 -3.40 -9.21
C LYS A 89 -15.06 -4.03 -8.26
N SER A 90 -16.02 -3.25 -7.71
CA SER A 90 -17.03 -3.74 -6.78
C SER A 90 -18.24 -4.46 -7.45
N LEU A 91 -18.44 -4.26 -8.76
CA LEU A 91 -19.59 -4.83 -9.49
C LEU A 91 -19.61 -6.36 -9.50
N PRO A 92 -20.82 -6.97 -9.36
CA PRO A 92 -20.92 -8.45 -9.41
C PRO A 92 -21.10 -8.97 -10.84
N PHE A 93 -20.97 -8.10 -11.84
CA PHE A 93 -21.16 -8.48 -13.24
C PHE A 93 -20.29 -7.65 -14.19
N PRO A 94 -19.98 -8.14 -15.41
CA PRO A 94 -19.20 -7.32 -16.35
C PRO A 94 -20.06 -6.32 -17.14
N ILE A 95 -19.55 -5.09 -17.37
CA ILE A 95 -20.26 -4.12 -18.18
C ILE A 95 -20.19 -4.62 -19.64
N THR A 96 -21.34 -4.73 -20.33
CA THR A 96 -21.33 -5.20 -21.72
C THR A 96 -21.98 -4.17 -22.68
N SER A 97 -22.61 -3.12 -22.14
CA SER A 97 -23.23 -2.04 -22.90
C SER A 97 -23.23 -0.77 -22.05
N MET A 98 -23.42 0.42 -22.69
CA MET A 98 -23.45 1.69 -21.96
C MET A 98 -24.65 1.78 -21.00
N LYS A 99 -25.76 1.07 -21.31
CA LYS A 99 -26.96 1.00 -20.47
C LYS A 99 -26.63 0.41 -19.10
N ASP A 100 -25.67 -0.53 -19.03
CA ASP A 100 -25.21 -1.16 -17.79
C ASP A 100 -24.59 -0.16 -16.82
N THR A 101 -24.15 1.02 -17.29
CA THR A 101 -23.51 2.02 -16.42
C THR A 101 -24.53 2.93 -15.73
N GLU A 102 -25.82 2.90 -16.11
CA GLU A 102 -26.85 3.74 -15.53
C GLU A 102 -27.04 3.45 -14.04
N GLY A 103 -26.99 4.50 -13.23
CA GLY A 103 -27.11 4.42 -11.78
C GLY A 103 -25.82 4.15 -11.04
N ILE A 104 -24.72 3.89 -11.75
CA ILE A 104 -23.43 3.64 -11.12
C ILE A 104 -22.75 4.99 -10.85
N PRO A 105 -22.36 5.27 -9.59
CA PRO A 105 -21.74 6.58 -9.29
C PRO A 105 -20.29 6.64 -9.76
N CYS A 106 -19.67 7.85 -9.66
CA CYS A 106 -18.25 8.15 -9.94
C CYS A 106 -17.86 7.91 -11.39
N LEU A 107 -18.84 7.96 -12.31
CA LEU A 107 -18.62 7.73 -13.74
C LEU A 107 -18.96 9.02 -14.50
N GLY A 108 -17.96 9.92 -14.56
CA GLY A 108 -18.07 11.17 -15.27
C GLY A 108 -18.05 10.97 -16.77
N ASP A 109 -18.23 12.06 -17.55
CA ASP A 109 -18.26 12.00 -19.01
C ASP A 109 -16.95 11.48 -19.59
N LYS A 110 -15.77 11.91 -19.07
CA LYS A 110 -14.48 11.44 -19.58
C LYS A 110 -14.35 9.92 -19.40
N VAL A 111 -14.71 9.40 -18.20
CA VAL A 111 -14.67 7.98 -17.86
C VAL A 111 -15.64 7.19 -18.74
N LYS A 112 -16.87 7.72 -18.99
CA LYS A 112 -17.87 7.07 -19.84
C LYS A 112 -17.41 6.98 -21.28
N SER A 113 -16.62 7.97 -21.78
CA SER A 113 -16.05 7.93 -23.13
C SER A 113 -15.02 6.80 -23.23
N ILE A 114 -14.23 6.58 -22.17
CA ILE A 114 -13.25 5.50 -22.12
C ILE A 114 -13.96 4.15 -22.12
N ILE A 115 -15.01 3.97 -21.28
CA ILE A 115 -15.82 2.74 -21.21
C ILE A 115 -16.42 2.44 -22.61
N GLU A 116 -17.02 3.45 -23.25
CA GLU A 116 -17.64 3.34 -24.58
C GLU A 116 -16.63 2.82 -25.64
N GLY A 117 -15.42 3.36 -25.62
CA GLY A 117 -14.35 2.97 -26.54
C GLY A 117 -13.89 1.53 -26.36
N ILE A 118 -13.88 1.04 -25.10
CA ILE A 118 -13.47 -0.33 -24.76
C ILE A 118 -14.59 -1.30 -25.22
N ILE A 119 -15.88 -0.93 -25.04
CA ILE A 119 -17.03 -1.73 -25.47
C ILE A 119 -16.97 -1.90 -26.98
N GLU A 120 -16.56 -0.82 -27.70
CA GLU A 120 -16.46 -0.74 -29.15
C GLU A 120 -15.53 -1.82 -29.76
N ASP A 121 -14.26 -1.90 -29.31
CA ASP A 121 -13.31 -2.87 -29.91
C ASP A 121 -12.39 -3.62 -28.89
N GLY A 122 -12.81 -3.65 -27.62
CA GLY A 122 -12.09 -4.33 -26.54
C GLY A 122 -10.80 -3.67 -26.06
N GLU A 123 -10.51 -2.46 -26.58
CA GLU A 123 -9.30 -1.72 -26.25
C GLU A 123 -9.56 -0.28 -25.92
N SER A 124 -8.67 0.30 -25.14
CA SER A 124 -8.69 1.72 -24.80
C SER A 124 -7.59 2.40 -25.60
N SER A 125 -7.98 3.27 -26.54
CA SER A 125 -7.02 3.99 -27.36
C SER A 125 -6.22 4.97 -26.47
N GLU A 126 -6.86 5.52 -25.42
CA GLU A 126 -6.24 6.44 -24.47
C GLU A 126 -5.17 5.73 -23.63
N ALA A 127 -5.48 4.53 -23.10
CA ALA A 127 -4.52 3.75 -22.29
C ALA A 127 -3.37 3.22 -23.15
N LYS A 128 -3.67 2.85 -24.41
CA LYS A 128 -2.69 2.34 -25.39
C LYS A 128 -1.63 3.41 -25.73
N ALA A 129 -2.09 4.67 -25.90
CA ALA A 129 -1.23 5.83 -26.14
C ALA A 129 -0.32 6.10 -24.92
N VAL A 130 -0.83 5.90 -23.68
CA VAL A 130 -0.06 6.11 -22.44
C VAL A 130 1.07 5.06 -22.36
N LEU A 131 0.73 3.78 -22.66
CA LEU A 131 1.66 2.67 -22.60
C LEU A 131 2.83 2.84 -23.56
N ASN A 132 2.62 3.60 -24.65
CA ASN A 132 3.61 3.86 -25.69
C ASN A 132 4.32 5.23 -25.50
N ASP A 133 3.85 6.06 -24.56
CA ASP A 133 4.45 7.37 -24.25
C ASP A 133 5.81 7.19 -23.57
N GLU A 134 6.83 7.90 -24.08
CA GLU A 134 8.20 7.79 -23.56
C GLU A 134 8.38 8.30 -22.14
N ARG A 135 7.67 9.37 -21.74
CA ARG A 135 7.74 9.88 -20.38
C ARG A 135 7.11 8.87 -19.43
N TYR A 136 5.93 8.31 -19.78
CA TYR A 136 5.26 7.32 -18.93
C TYR A 136 6.15 6.10 -18.74
N LYS A 137 6.69 5.55 -19.83
CA LYS A 137 7.56 4.36 -19.79
C LYS A 137 8.78 4.60 -18.89
N SER A 138 9.47 5.76 -19.05
CA SER A 138 10.64 6.13 -18.25
C SER A 138 10.29 6.31 -16.76
N PHE A 139 9.19 6.98 -16.45
CA PHE A 139 8.81 7.19 -15.08
C PHE A 139 8.45 5.87 -14.38
N LYS A 140 7.73 4.95 -15.07
CA LYS A 140 7.40 3.62 -14.53
C LYS A 140 8.69 2.83 -14.27
N LEU A 141 9.62 2.80 -15.24
CA LEU A 141 10.87 2.07 -15.16
C LEU A 141 11.77 2.62 -14.06
N PHE A 142 11.97 3.96 -14.01
CA PHE A 142 12.87 4.55 -13.03
C PHE A 142 12.30 4.42 -11.60
N THR A 143 10.99 4.66 -11.39
CA THR A 143 10.40 4.58 -10.04
C THR A 143 10.24 3.09 -9.57
N SER A 144 10.44 2.11 -10.46
CA SER A 144 10.43 0.69 -10.10
C SER A 144 11.68 0.34 -9.24
N VAL A 145 12.66 1.26 -9.18
CA VAL A 145 13.88 1.13 -8.38
C VAL A 145 13.55 1.63 -6.97
N PHE A 146 13.89 0.84 -5.96
CA PHE A 146 13.67 1.21 -4.55
C PHE A 146 14.61 2.40 -4.28
N GLY A 147 14.03 3.51 -3.85
CA GLY A 147 14.75 4.75 -3.55
C GLY A 147 14.63 5.83 -4.61
N VAL A 148 13.92 5.55 -5.70
CA VAL A 148 13.73 6.49 -6.79
C VAL A 148 12.27 6.91 -6.84
N GLY A 149 12.04 8.20 -6.63
CA GLY A 149 10.72 8.82 -6.71
C GLY A 149 10.56 9.68 -7.94
N LEU A 150 9.44 10.44 -7.98
CA LEU A 150 9.07 11.32 -9.09
C LEU A 150 10.15 12.34 -9.44
N LYS A 151 10.76 13.00 -8.43
CA LYS A 151 11.79 14.02 -8.63
C LYS A 151 13.04 13.46 -9.35
N THR A 152 13.60 12.33 -8.86
CA THR A 152 14.80 11.71 -9.44
C THR A 152 14.47 11.17 -10.83
N ALA A 153 13.29 10.53 -11.01
CA ALA A 153 12.86 9.99 -12.31
C ALA A 153 12.79 11.11 -13.37
N GLU A 154 12.22 12.28 -13.00
CA GLU A 154 12.10 13.46 -13.86
C GLU A 154 13.46 14.02 -14.20
N LYS A 155 14.36 14.08 -13.21
CA LYS A 155 15.73 14.58 -13.36
C LYS A 155 16.51 13.74 -14.40
N TRP A 156 16.44 12.40 -14.27
CA TRP A 156 17.14 11.47 -15.16
C TRP A 156 16.56 11.54 -16.56
N PHE A 157 15.21 11.64 -16.68
CA PHE A 157 14.54 11.75 -17.98
C PHE A 157 15.02 13.01 -18.74
N ARG A 158 15.08 14.15 -18.04
CA ARG A 158 15.53 15.44 -18.61
C ARG A 158 17.04 15.49 -18.88
N MET A 159 17.82 14.57 -18.31
CA MET A 159 19.23 14.42 -18.62
C MET A 159 19.40 13.58 -19.87
N GLY A 160 18.33 12.93 -20.34
CA GLY A 160 18.31 12.10 -21.54
C GLY A 160 18.43 10.60 -21.32
N PHE A 161 18.33 10.13 -20.05
CA PHE A 161 18.39 8.69 -19.74
C PHE A 161 17.07 8.04 -20.05
N ARG A 162 17.11 6.78 -20.57
CA ARG A 162 15.90 6.00 -20.91
C ARG A 162 15.96 4.56 -20.39
N THR A 163 17.14 4.09 -19.97
CA THR A 163 17.30 2.72 -19.46
C THR A 163 18.06 2.73 -18.14
N LEU A 164 17.81 1.68 -17.32
CA LEU A 164 18.48 1.52 -16.04
C LEU A 164 19.96 1.14 -16.25
N SER A 165 20.31 0.44 -17.34
CA SER A 165 21.70 0.11 -17.67
C SER A 165 22.56 1.38 -17.85
N LYS A 166 22.02 2.39 -18.56
CA LYS A 166 22.73 3.66 -18.81
C LYS A 166 22.83 4.49 -17.52
N ILE A 167 21.85 4.39 -16.60
CA ILE A 167 21.87 5.10 -15.33
C ILE A 167 22.93 4.47 -14.41
N GLN A 168 22.88 3.16 -14.22
CA GLN A 168 23.79 2.40 -13.37
C GLN A 168 25.25 2.49 -13.76
N SER A 169 25.54 2.56 -15.06
CA SER A 169 26.91 2.62 -15.57
C SER A 169 27.46 4.04 -15.65
N ASP A 170 26.63 5.07 -15.50
CA ASP A 170 27.07 6.46 -15.57
C ASP A 170 28.07 6.80 -14.44
N LYS A 171 29.16 7.50 -14.78
CA LYS A 171 30.22 7.82 -13.81
C LYS A 171 30.06 9.21 -13.16
N SER A 172 29.06 10.00 -13.59
CA SER A 172 28.80 11.32 -13.04
C SER A 172 27.68 11.30 -12.02
N LEU A 173 26.73 10.37 -12.15
CA LEU A 173 25.57 10.23 -11.27
C LEU A 173 25.97 9.81 -9.85
N ARG A 174 25.25 10.36 -8.87
CA ARG A 174 25.45 10.06 -7.46
C ARG A 174 24.22 9.38 -6.93
N PHE A 175 24.36 8.28 -6.19
CA PHE A 175 23.19 7.55 -5.70
C PHE A 175 23.07 7.58 -4.17
N THR A 176 21.82 7.62 -3.67
CA THR A 176 21.55 7.56 -2.23
C THR A 176 21.77 6.10 -1.78
N GLN A 177 21.89 5.85 -0.46
CA GLN A 177 22.06 4.49 0.06
C GLN A 177 20.85 3.59 -0.29
N MET A 178 19.64 4.18 -0.30
CA MET A 178 18.40 3.51 -0.67
C MET A 178 18.46 3.07 -2.14
N GLN A 179 18.89 3.95 -3.05
CA GLN A 179 19.00 3.67 -4.49
C GLN A 179 20.07 2.62 -4.78
N LYS A 180 21.21 2.65 -4.04
CA LYS A 180 22.30 1.67 -4.14
C LYS A 180 21.73 0.27 -3.88
N ALA A 181 20.93 0.12 -2.79
CA ALA A 181 20.24 -1.13 -2.43
C ALA A 181 19.20 -1.47 -3.48
N GLY A 182 18.47 -0.46 -3.96
CA GLY A 182 17.45 -0.61 -5.01
C GLY A 182 18.04 -1.19 -6.28
N PHE A 183 19.27 -0.74 -6.69
CA PHE A 183 19.96 -1.26 -7.87
C PHE A 183 20.61 -2.62 -7.62
N LEU A 184 21.25 -2.81 -6.45
CA LEU A 184 21.96 -4.05 -6.10
C LEU A 184 21.00 -5.27 -6.03
N TYR A 185 19.78 -5.08 -5.49
CA TYR A 185 18.79 -6.14 -5.32
C TYR A 185 17.59 -5.96 -6.26
N TYR A 186 17.77 -5.21 -7.36
CA TYR A 186 16.73 -4.86 -8.33
C TYR A 186 15.89 -6.06 -8.81
N GLU A 187 16.53 -7.12 -9.36
CA GLU A 187 15.83 -8.25 -9.94
C GLU A 187 14.94 -8.96 -8.92
N ASP A 188 15.42 -9.11 -7.66
CA ASP A 188 14.65 -9.73 -6.57
C ASP A 188 13.48 -8.86 -6.17
N LEU A 189 13.68 -7.54 -6.06
CA LEU A 189 12.62 -6.64 -5.65
C LEU A 189 11.56 -6.41 -6.78
N VAL A 190 11.92 -6.57 -8.08
CA VAL A 190 10.93 -6.43 -9.17
C VAL A 190 10.13 -7.75 -9.35
N SER A 191 10.63 -8.87 -8.80
CA SER A 191 9.94 -10.15 -8.80
C SER A 191 8.91 -10.11 -7.65
N CYS A 192 7.68 -10.55 -7.89
CA CYS A 192 6.68 -10.45 -6.84
C CYS A 192 6.92 -11.43 -5.69
N VAL A 193 6.64 -10.97 -4.46
CA VAL A 193 6.69 -11.79 -3.25
C VAL A 193 5.41 -12.64 -3.25
N ASN A 194 5.53 -13.96 -3.08
CA ASN A 194 4.34 -14.81 -3.04
C ASN A 194 3.98 -15.15 -1.55
N ARG A 195 2.87 -15.89 -1.29
CA ARG A 195 2.43 -16.18 0.08
C ARG A 195 3.43 -17.07 0.83
N PRO A 196 3.95 -18.21 0.26
CA PRO A 196 4.97 -18.98 0.99
C PRO A 196 6.15 -18.13 1.46
N GLU A 197 6.65 -17.17 0.60
CA GLU A 197 7.73 -16.22 0.95
C GLU A 197 7.27 -15.29 2.08
N ALA A 198 6.05 -14.69 1.99
CA ALA A 198 5.50 -13.79 3.00
C ALA A 198 5.43 -14.50 4.35
N GLU A 199 5.00 -15.77 4.36
CA GLU A 199 4.90 -16.59 5.58
C GLU A 199 6.27 -16.88 6.17
N ALA A 200 7.29 -17.08 5.31
CA ALA A 200 8.67 -17.34 5.74
C ALA A 200 9.23 -16.09 6.39
N VAL A 201 8.87 -14.90 5.86
CA VAL A 201 9.26 -13.60 6.43
C VAL A 201 8.56 -13.44 7.79
N SER A 202 7.25 -13.79 7.88
CA SER A 202 6.47 -13.70 9.11
C SER A 202 7.13 -14.47 10.24
N MET A 203 7.65 -15.68 9.93
CA MET A 203 8.38 -16.53 10.88
C MET A 203 9.62 -15.84 11.40
N LEU A 204 10.41 -15.26 10.50
CA LEU A 204 11.62 -14.52 10.84
C LEU A 204 11.30 -13.33 11.80
N VAL A 205 10.26 -12.53 11.47
CA VAL A 205 9.81 -11.37 12.23
C VAL A 205 9.35 -11.83 13.63
N LYS A 206 8.46 -12.83 13.69
CA LYS A 206 7.95 -13.35 14.97
C LYS A 206 9.09 -13.87 15.84
N GLU A 207 10.00 -14.72 15.28
CA GLU A 207 11.17 -15.27 16.00
C GLU A 207 12.03 -14.18 16.63
N ALA A 208 12.34 -13.11 15.87
CA ALA A 208 13.16 -11.99 16.31
C ALA A 208 12.46 -11.16 17.39
N VAL A 209 11.21 -10.75 17.14
CA VAL A 209 10.41 -9.92 18.05
C VAL A 209 10.21 -10.58 19.44
N VAL A 210 9.76 -11.87 19.49
CA VAL A 210 9.46 -12.58 20.75
C VAL A 210 10.74 -12.82 21.60
N THR A 211 11.94 -12.75 20.98
CA THR A 211 13.24 -12.85 21.66
C THR A 211 13.42 -11.68 22.64
N PHE A 212 12.88 -10.49 22.28
CA PHE A 212 13.01 -9.27 23.08
C PHE A 212 11.71 -8.89 23.82
N LEU A 213 10.54 -9.17 23.21
CA LEU A 213 9.21 -8.94 23.79
C LEU A 213 8.36 -10.22 23.63
N PRO A 214 8.41 -11.19 24.58
CA PRO A 214 7.66 -12.46 24.37
C PRO A 214 6.14 -12.34 24.36
N ASP A 215 5.56 -11.23 24.86
CA ASP A 215 4.11 -11.01 24.86
C ASP A 215 3.65 -10.22 23.60
N ALA A 216 4.57 -9.92 22.68
CA ALA A 216 4.22 -9.14 21.49
C ALA A 216 3.32 -9.90 20.50
N LEU A 217 2.41 -9.13 19.89
CA LEU A 217 1.48 -9.57 18.86
C LEU A 217 1.96 -9.04 17.53
N VAL A 218 2.24 -9.93 16.57
CA VAL A 218 2.73 -9.60 15.23
C VAL A 218 1.65 -10.01 14.21
N THR A 219 1.19 -9.04 13.40
CA THR A 219 0.14 -9.25 12.40
C THR A 219 0.58 -8.80 11.03
N MET A 220 0.41 -9.68 10.04
CA MET A 220 0.74 -9.34 8.66
C MET A 220 -0.41 -8.44 8.15
N THR A 221 -0.05 -7.24 7.62
CA THR A 221 -1.07 -6.29 7.15
C THR A 221 -0.96 -6.19 5.62
N GLY A 222 -1.37 -5.07 5.04
CA GLY A 222 -1.29 -4.82 3.62
C GLY A 222 -2.13 -5.75 2.78
N GLY A 223 -1.74 -5.88 1.52
CA GLY A 223 -2.38 -6.73 0.52
C GLY A 223 -2.58 -8.18 0.91
N PHE A 224 -1.57 -8.79 1.55
CA PHE A 224 -1.64 -10.18 1.97
C PHE A 224 -2.81 -10.41 3.00
N ARG A 225 -3.05 -9.44 3.90
CA ARG A 225 -4.17 -9.50 4.84
C ARG A 225 -5.54 -9.39 4.07
N ARG A 226 -5.54 -8.75 2.88
CA ARG A 226 -6.76 -8.62 2.05
C ARG A 226 -6.95 -9.84 1.12
N GLY A 227 -6.09 -10.84 1.25
CA GLY A 227 -6.15 -12.08 0.48
C GLY A 227 -5.35 -12.18 -0.81
N LYS A 228 -4.49 -11.21 -1.09
CA LYS A 228 -3.69 -11.20 -2.32
C LYS A 228 -2.67 -12.35 -2.34
N MET A 229 -2.44 -12.92 -3.54
CA MET A 229 -1.50 -14.02 -3.76
C MET A 229 -0.09 -13.51 -3.84
N THR A 230 0.08 -12.26 -4.26
CA THR A 230 1.39 -11.63 -4.40
C THR A 230 1.40 -10.20 -3.83
N GLY A 231 2.59 -9.66 -3.68
CA GLY A 231 2.81 -8.29 -3.21
C GLY A 231 4.21 -7.81 -3.52
N HIS A 232 4.44 -6.49 -3.50
CA HIS A 232 5.77 -5.91 -3.76
C HIS A 232 6.67 -6.01 -2.52
N ASP A 233 6.01 -6.13 -1.33
CA ASP A 233 6.64 -6.21 -0.03
C ASP A 233 5.75 -6.96 0.98
N VAL A 234 6.22 -7.09 2.23
CA VAL A 234 5.49 -7.73 3.33
C VAL A 234 5.46 -6.73 4.48
N ASP A 235 4.25 -6.38 4.94
CA ASP A 235 4.04 -5.41 6.01
C ASP A 235 3.54 -6.07 7.26
N PHE A 236 4.02 -5.60 8.42
CA PHE A 236 3.66 -6.14 9.75
C PHE A 236 3.38 -5.06 10.74
N LEU A 237 2.45 -5.34 11.62
CA LEU A 237 2.09 -4.51 12.75
C LEU A 237 2.51 -5.25 13.99
N ILE A 238 3.29 -4.58 14.85
CA ILE A 238 3.79 -5.15 16.09
C ILE A 238 3.23 -4.34 17.22
N THR A 239 2.73 -5.01 18.27
CA THR A 239 2.20 -4.34 19.46
C THR A 239 2.41 -5.23 20.68
N SER A 240 2.55 -4.62 21.86
CA SER A 240 2.75 -5.37 23.09
C SER A 240 1.86 -4.83 24.21
N PRO A 241 1.01 -5.70 24.83
CA PRO A 241 0.15 -5.20 25.92
C PRO A 241 0.89 -4.79 27.20
N GLU A 242 2.12 -5.31 27.46
CA GLU A 242 2.86 -4.98 28.69
C GLU A 242 4.10 -4.10 28.51
N ALA A 243 4.63 -3.91 27.29
CA ALA A 243 5.84 -3.11 27.06
C ALA A 243 5.68 -1.64 27.51
N THR A 244 6.78 -1.05 27.99
CA THR A 244 6.80 0.37 28.40
C THR A 244 6.97 1.24 27.17
N GLU A 245 6.93 2.58 27.32
CA GLU A 245 7.13 3.53 26.23
C GLU A 245 8.54 3.38 25.63
N ASP A 246 9.55 3.16 26.51
CA ASP A 246 10.96 2.96 26.12
C ASP A 246 11.18 1.58 25.49
N GLU A 247 10.56 0.51 26.05
CA GLU A 247 10.67 -0.85 25.50
C GLU A 247 10.11 -0.90 24.07
N GLU A 248 8.98 -0.20 23.85
CA GLU A 248 8.28 -0.05 22.58
C GLU A 248 9.18 0.66 21.58
N GLN A 249 9.95 1.66 22.04
CA GLN A 249 10.86 2.43 21.21
C GLN A 249 12.08 1.59 20.79
N GLN A 250 12.60 0.76 21.69
CA GLN A 250 13.82 0.00 21.47
C GLN A 250 13.68 -1.31 20.67
N LEU A 251 12.47 -1.88 20.57
CA LEU A 251 12.25 -3.16 19.89
C LEU A 251 12.77 -3.21 18.46
N LEU A 252 12.42 -2.22 17.61
CA LEU A 252 12.86 -2.23 16.20
C LEU A 252 14.40 -2.16 16.07
N HIS A 253 15.07 -1.45 17.00
CA HIS A 253 16.53 -1.33 17.06
C HIS A 253 17.14 -2.68 17.45
N LYS A 254 16.57 -3.37 18.48
CA LYS A 254 17.05 -4.68 18.94
C LYS A 254 16.87 -5.76 17.86
N VAL A 255 15.71 -5.80 17.20
CA VAL A 255 15.40 -6.77 16.15
C VAL A 255 16.30 -6.61 14.92
N THR A 256 16.53 -5.36 14.47
CA THR A 256 17.35 -5.10 13.28
C THR A 256 18.83 -5.34 13.59
N ASP A 257 19.30 -5.06 14.84
CA ASP A 257 20.69 -5.33 15.24
C ASP A 257 20.93 -6.85 15.24
N PHE A 258 19.94 -7.62 15.72
CA PHE A 258 19.96 -9.08 15.74
C PHE A 258 20.14 -9.62 14.32
N TRP A 259 19.35 -9.10 13.35
CA TRP A 259 19.41 -9.51 11.94
C TRP A 259 20.72 -9.08 11.30
N LYS A 260 21.27 -7.88 11.69
CA LYS A 260 22.56 -7.37 11.19
C LYS A 260 23.68 -8.33 11.59
N GLN A 261 23.64 -8.85 12.85
CA GLN A 261 24.59 -9.82 13.40
C GLN A 261 24.48 -11.16 12.64
N GLN A 262 23.25 -11.55 12.24
CA GLN A 262 22.95 -12.80 11.51
C GLN A 262 23.28 -12.70 10.01
N GLY A 263 23.56 -11.48 9.53
CA GLY A 263 23.87 -11.21 8.13
C GLY A 263 22.66 -11.30 7.24
N LEU A 264 21.48 -10.92 7.79
CA LEU A 264 20.20 -10.98 7.07
C LEU A 264 19.68 -9.59 6.72
N LEU A 265 20.25 -8.54 7.33
CA LEU A 265 19.84 -7.17 7.11
C LEU A 265 20.60 -6.61 5.90
N LEU A 266 19.90 -6.50 4.76
CA LEU A 266 20.49 -6.00 3.52
C LEU A 266 20.31 -4.49 3.42
N TYR A 267 19.23 -3.96 4.02
CA TYR A 267 18.96 -2.52 4.06
C TYR A 267 18.10 -2.25 5.26
N CYS A 268 18.30 -1.09 5.90
CA CYS A 268 17.51 -0.72 7.07
C CYS A 268 17.44 0.80 7.23
N ASP A 269 16.21 1.31 7.39
CA ASP A 269 15.93 2.72 7.66
C ASP A 269 14.83 2.77 8.71
N ILE A 270 15.16 3.24 9.92
CA ILE A 270 14.19 3.31 11.02
C ILE A 270 13.72 4.75 11.18
N LEU A 271 12.40 4.97 11.05
CA LEU A 271 11.79 6.28 11.27
C LEU A 271 11.22 6.31 12.67
N GLU A 272 11.77 7.21 13.50
CA GLU A 272 11.29 7.35 14.88
C GLU A 272 9.86 7.86 14.87
N SER A 273 9.10 7.52 15.91
CA SER A 273 7.71 7.93 16.03
C SER A 273 7.58 9.45 16.16
N THR A 274 6.55 10.00 15.52
CA THR A 274 6.17 11.42 15.58
C THR A 274 4.72 11.45 16.14
N PHE A 275 4.26 10.28 16.65
CA PHE A 275 2.93 10.10 17.23
C PHE A 275 2.79 10.87 18.53
N GLU A 276 1.69 11.60 18.64
CA GLU A 276 1.32 12.36 19.83
C GLU A 276 0.01 11.78 20.35
N LYS A 277 0.06 11.22 21.58
CA LYS A 277 -1.06 10.54 22.25
C LYS A 277 -2.37 11.35 22.29
N PHE A 278 -2.29 12.68 22.44
CA PHE A 278 -3.50 13.49 22.55
C PHE A 278 -3.70 14.52 21.39
N LYS A 279 -3.06 14.32 20.22
CA LYS A 279 -3.27 15.21 19.07
C LYS A 279 -4.48 14.76 18.26
N GLN A 280 -5.22 15.72 17.67
CA GLN A 280 -6.40 15.45 16.83
C GLN A 280 -5.98 14.69 15.57
N PRO A 281 -6.81 13.76 15.02
CA PRO A 281 -6.39 13.02 13.80
C PRO A 281 -6.23 13.93 12.57
N ASP A 286 -0.32 15.14 6.33
CA ASP A 286 -0.80 13.77 6.17
C ASP A 286 0.33 12.72 6.38
N ALA A 287 1.61 13.14 6.20
CA ALA A 287 2.79 12.28 6.29
C ALA A 287 3.61 12.49 7.57
N LEU A 288 3.43 13.67 8.19
CA LEU A 288 4.18 14.12 9.38
C LEU A 288 3.86 13.34 10.69
N ASP A 289 2.60 12.98 10.97
CA ASP A 289 2.29 12.22 12.19
C ASP A 289 2.34 10.71 11.91
N HIS A 290 3.17 9.93 12.66
CA HIS A 290 3.24 8.49 12.46
C HIS A 290 3.93 7.67 13.58
N PHE A 291 3.59 6.38 13.57
CA PHE A 291 4.15 5.39 14.46
C PHE A 291 5.59 5.10 14.07
N GLN A 292 6.38 4.58 15.01
CA GLN A 292 7.75 4.17 14.71
C GLN A 292 7.68 3.03 13.66
N LYS A 293 8.49 3.15 12.61
CA LYS A 293 8.46 2.17 11.53
C LYS A 293 9.81 2.00 10.89
N CYS A 294 10.00 0.90 10.16
CA CYS A 294 11.26 0.69 9.45
C CYS A 294 11.01 0.04 8.11
N PHE A 295 11.80 0.50 7.14
CA PHE A 295 11.80 0.08 5.73
C PHE A 295 13.03 -0.77 5.57
N LEU A 296 12.83 -2.07 5.35
CA LEU A 296 13.92 -3.04 5.30
C LEU A 296 13.96 -3.83 4.04
N ILE A 297 15.11 -4.45 3.82
CA ILE A 297 15.39 -5.44 2.81
C ILE A 297 16.04 -6.56 3.58
N LEU A 298 15.39 -7.75 3.61
CA LEU A 298 15.89 -8.91 4.31
C LEU A 298 16.35 -9.99 3.38
N LYS A 299 17.35 -10.76 3.82
CA LYS A 299 17.87 -11.90 3.07
C LYS A 299 17.03 -13.13 3.48
N LEU A 300 16.21 -13.64 2.54
CA LEU A 300 15.36 -14.79 2.80
C LEU A 300 15.95 -16.06 2.17
N ASP A 301 16.47 -16.96 3.01
CA ASP A 301 17.06 -18.22 2.55
C ASP A 301 15.99 -19.15 1.99
N HIS A 302 16.26 -19.81 0.84
CA HIS A 302 15.30 -20.69 0.18
C HIS A 302 14.84 -21.87 1.05
N GLY A 303 15.70 -22.37 1.92
CA GLY A 303 15.38 -23.45 2.84
C GLY A 303 14.23 -23.16 3.80
N ARG A 304 13.97 -21.88 4.08
CA ARG A 304 12.91 -21.38 4.98
C ARG A 304 11.54 -21.29 4.29
N VAL A 305 11.52 -21.36 2.95
CA VAL A 305 10.29 -21.21 2.18
C VAL A 305 9.69 -22.60 1.91
N HIS A 306 8.43 -22.79 2.35
CA HIS A 306 7.71 -24.03 2.17
C HIS A 306 6.67 -23.86 1.07
N SER A 307 7.13 -23.99 -0.18
CA SER A 307 6.34 -23.91 -1.39
C SER A 307 6.43 -25.25 -2.13
N GLU A 308 5.73 -25.39 -3.27
CA GLU A 308 5.82 -26.62 -4.05
C GLU A 308 7.15 -26.65 -4.84
N LYS A 309 7.72 -25.47 -5.15
CA LYS A 309 9.00 -25.40 -5.85
C LYS A 309 10.15 -25.51 -4.85
N GLY A 315 19.13 -20.83 -7.89
CA GLY A 315 20.12 -19.80 -8.14
C GLY A 315 21.11 -19.59 -6.99
N LYS A 316 21.15 -18.35 -6.44
CA LYS A 316 22.03 -17.96 -5.32
C LYS A 316 21.63 -18.60 -3.99
N GLY A 317 20.41 -19.13 -3.90
CA GLY A 317 19.90 -19.81 -2.71
C GLY A 317 19.18 -18.93 -1.71
N TRP A 318 18.92 -17.66 -2.08
CA TRP A 318 18.22 -16.68 -1.24
C TRP A 318 17.56 -15.62 -2.11
N LYS A 319 16.61 -14.86 -1.52
CA LYS A 319 15.91 -13.79 -2.22
C LYS A 319 15.82 -12.55 -1.33
N ALA A 320 16.07 -11.35 -1.91
CA ALA A 320 15.95 -10.07 -1.21
C ALA A 320 14.47 -9.71 -1.14
N ILE A 321 14.00 -9.37 0.06
CA ILE A 321 12.58 -9.09 0.26
C ILE A 321 12.38 -7.76 0.96
N ARG A 322 11.47 -6.93 0.45
CA ARG A 322 11.12 -5.67 1.07
C ARG A 322 10.18 -5.97 2.20
N VAL A 323 10.52 -5.49 3.40
CA VAL A 323 9.74 -5.71 4.63
C VAL A 323 9.54 -4.36 5.34
N ASP A 324 8.29 -4.05 5.74
CA ASP A 324 7.99 -2.87 6.56
C ASP A 324 7.44 -3.33 7.90
N LEU A 325 8.03 -2.83 8.98
CA LEU A 325 7.59 -3.12 10.35
C LEU A 325 7.09 -1.84 10.98
N VAL A 326 5.93 -1.92 11.67
CA VAL A 326 5.26 -0.81 12.33
C VAL A 326 5.03 -1.20 13.79
N MET A 327 5.45 -0.35 14.73
CA MET A 327 5.26 -0.56 16.17
C MET A 327 4.24 0.44 16.64
N CYS A 328 3.18 -0.01 17.32
CA CYS A 328 2.19 0.93 17.81
C CYS A 328 1.85 0.67 19.28
N PRO A 329 1.36 1.69 20.02
CA PRO A 329 0.93 1.44 21.40
C PRO A 329 -0.28 0.51 21.38
N TYR A 330 -0.36 -0.39 22.34
CA TYR A 330 -1.40 -1.40 22.44
C TYR A 330 -2.82 -0.86 22.26
N ASP A 331 -3.16 0.29 22.86
CA ASP A 331 -4.51 0.86 22.81
C ASP A 331 -4.93 1.39 21.42
N ARG A 332 -3.96 1.62 20.53
CA ARG A 332 -4.24 2.12 19.17
C ARG A 332 -4.14 1.02 18.11
N ARG A 333 -3.97 -0.25 18.54
CA ARG A 333 -3.78 -1.38 17.63
C ARG A 333 -4.92 -1.55 16.60
N ALA A 334 -6.19 -1.23 16.94
CA ALA A 334 -7.31 -1.35 15.98
C ALA A 334 -7.22 -0.30 14.86
N PHE A 335 -6.83 0.96 15.20
CA PHE A 335 -6.70 2.06 14.25
C PHE A 335 -5.55 1.80 13.29
N ALA A 336 -4.40 1.29 13.82
CA ALA A 336 -3.21 0.97 13.04
C ALA A 336 -3.50 -0.15 12.07
N LEU A 337 -4.15 -1.23 12.57
CA LEU A 337 -4.52 -2.40 11.78
C LEU A 337 -5.44 -1.99 10.61
N LEU A 338 -6.46 -1.17 10.89
CA LEU A 338 -7.38 -0.67 9.89
C LEU A 338 -6.65 0.16 8.86
N GLY A 339 -5.75 1.06 9.27
CA GLY A 339 -4.97 1.89 8.36
C GLY A 339 -3.97 1.13 7.52
N TRP A 340 -3.26 0.17 8.11
CA TRP A 340 -2.23 -0.58 7.39
C TRP A 340 -2.77 -1.77 6.60
N THR A 341 -4.06 -2.12 6.76
CA THR A 341 -4.67 -3.22 5.99
C THR A 341 -4.98 -2.72 4.55
N GLY A 342 -5.36 -1.45 4.45
CA GLY A 342 -5.73 -0.85 3.17
C GLY A 342 -7.05 -1.34 2.62
N SER A 343 -7.29 -1.30 1.30
CA SER A 343 -6.43 -0.79 0.24
C SER A 343 -6.27 0.72 0.36
N ARG A 344 -5.40 1.32 -0.45
CA ARG A 344 -5.20 2.77 -0.41
C ARG A 344 -6.54 3.50 -0.66
N GLN A 345 -7.32 3.07 -1.68
CA GLN A 345 -8.62 3.69 -1.98
C GLN A 345 -9.66 3.51 -0.85
N PHE A 346 -9.69 2.34 -0.21
CA PHE A 346 -10.57 2.09 0.91
C PHE A 346 -10.26 3.10 2.04
N GLU A 347 -8.95 3.36 2.32
CA GLU A 347 -8.50 4.29 3.37
C GLU A 347 -8.92 5.73 3.06
N ARG A 348 -8.69 6.18 1.82
CA ARG A 348 -9.11 7.51 1.37
C ARG A 348 -10.63 7.73 1.57
N ASP A 349 -11.48 6.74 1.17
CA ASP A 349 -12.94 6.83 1.30
C ASP A 349 -13.42 6.72 2.74
N LEU A 350 -12.78 5.87 3.57
CA LEU A 350 -13.08 5.78 5.02
C LEU A 350 -12.94 7.16 5.69
N ARG A 351 -11.82 7.86 5.39
CA ARG A 351 -11.48 9.18 5.98
C ARG A 351 -12.42 10.26 5.45
N ARG A 352 -12.77 10.17 4.16
CA ARG A 352 -13.68 11.11 3.48
C ARG A 352 -15.09 10.95 4.03
N TYR A 353 -15.57 9.69 4.17
CA TYR A 353 -16.87 9.37 4.75
C TYR A 353 -16.92 9.90 6.20
N ALA A 354 -15.93 9.55 7.06
CA ALA A 354 -15.90 10.01 8.46
C ALA A 354 -16.06 11.54 8.56
N THR A 355 -15.32 12.30 7.74
CA THR A 355 -15.33 13.76 7.75
C THR A 355 -16.62 14.36 7.19
N HIS A 356 -16.93 14.08 5.91
CA HIS A 356 -18.06 14.64 5.16
C HIS A 356 -19.46 14.10 5.58
N GLU A 357 -19.57 12.87 6.15
CA GLU A 357 -20.87 12.28 6.52
C GLU A 357 -21.13 12.28 8.03
N ARG A 358 -20.10 12.01 8.86
CA ARG A 358 -20.29 11.85 10.30
C ARG A 358 -19.55 12.87 11.16
N LYS A 359 -18.93 13.92 10.56
CA LYS A 359 -18.20 15.00 11.24
C LYS A 359 -17.21 14.42 12.27
N MET A 360 -16.53 13.33 11.85
CA MET A 360 -15.54 12.60 12.63
C MET A 360 -14.23 12.68 11.94
N MET A 361 -13.14 12.61 12.70
CA MET A 361 -11.81 12.69 12.15
C MET A 361 -11.09 11.37 12.39
N LEU A 362 -10.75 10.67 11.30
CA LEU A 362 -10.10 9.36 11.40
C LEU A 362 -8.73 9.36 10.75
N ASP A 363 -7.78 8.62 11.36
CA ASP A 363 -6.46 8.34 10.82
C ASP A 363 -5.98 7.00 11.43
N ASN A 364 -4.70 6.63 11.23
CA ASN A 364 -4.14 5.37 11.74
C ASN A 364 -3.93 5.32 13.27
N HIS A 365 -4.10 6.45 13.97
CA HIS A 365 -3.82 6.52 15.40
C HIS A 365 -5.07 6.71 16.24
N ALA A 366 -6.12 7.37 15.69
CA ALA A 366 -7.30 7.66 16.49
C ALA A 366 -8.56 8.04 15.66
N LEU A 367 -9.70 8.12 16.35
CA LEU A 367 -11.00 8.54 15.85
C LEU A 367 -11.54 9.61 16.82
N TYR A 368 -11.79 10.81 16.28
CA TYR A 368 -12.27 11.94 17.07
C TYR A 368 -13.64 12.40 16.58
N ASP A 369 -14.56 12.61 17.53
CA ASP A 369 -15.92 13.09 17.26
C ASP A 369 -15.95 14.60 17.53
N ARG A 370 -16.05 15.41 16.46
CA ARG A 370 -16.05 16.88 16.54
C ARG A 370 -17.32 17.45 17.22
N THR A 371 -18.46 16.74 17.15
CA THR A 371 -19.73 17.18 17.73
C THR A 371 -19.72 16.91 19.25
N LYS A 372 -19.33 15.68 19.63
CA LYS A 372 -19.27 15.26 21.03
C LYS A 372 -18.00 15.78 21.72
N ARG A 373 -16.99 16.23 20.93
CA ARG A 373 -15.68 16.76 21.36
C ARG A 373 -14.93 15.72 22.20
N VAL A 374 -14.95 14.46 21.73
CA VAL A 374 -14.31 13.36 22.43
C VAL A 374 -13.68 12.36 21.45
N PHE A 375 -12.61 11.69 21.92
CA PHE A 375 -11.93 10.64 21.18
C PHE A 375 -12.69 9.37 21.44
N LEU A 376 -12.93 8.58 20.38
CA LEU A 376 -13.68 7.32 20.48
C LEU A 376 -12.71 6.15 20.52
N GLU A 377 -12.86 5.27 21.53
CA GLU A 377 -11.96 4.12 21.69
C GLU A 377 -12.48 2.88 20.94
N ALA A 378 -11.55 1.98 20.63
CA ALA A 378 -11.85 0.74 19.94
C ALA A 378 -10.83 -0.36 20.27
N GLU A 379 -11.30 -1.60 20.53
CA GLU A 379 -10.43 -2.76 20.78
C GLU A 379 -10.32 -3.62 19.52
N SER A 380 -11.16 -3.32 18.50
CA SER A 380 -11.21 -4.01 17.21
C SER A 380 -11.63 -3.09 16.07
N GLU A 381 -11.41 -3.54 14.80
CA GLU A 381 -11.84 -2.85 13.59
C GLU A 381 -13.37 -2.72 13.57
N GLU A 382 -14.07 -3.79 14.02
CA GLU A 382 -15.54 -3.85 14.09
C GLU A 382 -16.09 -2.67 14.88
N GLU A 383 -15.47 -2.33 16.04
CA GLU A 383 -15.87 -1.19 16.89
C GLU A 383 -15.67 0.16 16.18
N ILE A 384 -14.62 0.28 15.31
CA ILE A 384 -14.41 1.52 14.55
C ILE A 384 -15.57 1.66 13.54
N PHE A 385 -15.90 0.56 12.80
CA PHE A 385 -16.99 0.57 11.81
C PHE A 385 -18.32 0.93 12.49
N ALA A 386 -18.59 0.34 13.69
CA ALA A 386 -19.81 0.63 14.48
C ALA A 386 -19.87 2.14 14.91
N HIS A 387 -18.73 2.74 15.34
CA HIS A 387 -18.68 4.17 15.72
C HIS A 387 -19.04 5.08 14.53
N LEU A 388 -18.59 4.69 13.31
CA LEU A 388 -18.79 5.40 12.03
C LEU A 388 -20.17 5.18 11.41
N GLY A 389 -20.94 4.25 11.94
CA GLY A 389 -22.26 3.93 11.40
C GLY A 389 -22.20 3.12 10.12
N LEU A 390 -21.13 2.31 9.98
CA LEU A 390 -20.89 1.47 8.80
C LEU A 390 -21.05 -0.02 9.10
N ASP A 391 -21.62 -0.80 8.15
CA ASP A 391 -21.66 -2.26 8.25
C ASP A 391 -20.22 -2.75 8.15
N TYR A 392 -19.85 -3.78 8.90
CA TYR A 392 -18.48 -4.25 8.87
C TYR A 392 -18.07 -4.81 7.49
N ILE A 393 -16.91 -4.34 6.96
CA ILE A 393 -16.34 -4.80 5.70
C ILE A 393 -15.12 -5.66 6.06
N GLU A 394 -15.15 -6.96 5.74
CA GLU A 394 -14.06 -7.90 5.99
C GLU A 394 -12.77 -7.45 5.26
N PRO A 395 -11.55 -7.79 5.77
CA PRO A 395 -10.32 -7.38 5.07
C PRO A 395 -10.29 -7.76 3.59
N TRP A 396 -10.75 -8.99 3.23
CA TRP A 396 -10.74 -9.44 1.84
C TRP A 396 -11.79 -8.72 0.97
N GLU A 397 -12.66 -7.90 1.57
CA GLU A 397 -13.68 -7.10 0.89
C GLU A 397 -13.24 -5.61 0.80
N ARG A 398 -11.98 -5.31 1.15
CA ARG A 398 -11.45 -3.95 1.12
C ARG A 398 -10.50 -3.75 -0.06
N ASN A 399 -10.64 -4.56 -1.13
CA ASN A 399 -9.76 -4.48 -2.30
C ASN A 399 -10.25 -3.42 -3.33
N ALA A 400 -10.60 -2.20 -2.80
CA ALA A 400 -11.12 -1.04 -3.53
C ALA A 400 -10.02 -0.28 -4.30
#